data_6MDH
#
_entry.id   6MDH
#
_cell.length_a   66.546
_cell.length_b   68.426
_cell.length_c   72.538
_cell.angle_alpha   90.00
_cell.angle_beta   90.00
_cell.angle_gamma   90.00
#
_symmetry.space_group_name_H-M   'I 21 21 21'
#
loop_
_entity.id
_entity.type
_entity.pdbx_description
1 polymer 'Ubiquitin-like protein ISG15'
2 water water
#
_entity_poly.entity_id   1
_entity_poly.type   'polypeptide(L)'
_entity_poly.pdbx_seq_one_letter_code
;MGGYLKVKMLSNEFQVPMRDSMLLSELKQLITQKIQVPAFRQRLLVQGSNEVLQDGVPLAHQGLRSGSEVVLVVQSCDRP
LSILVRNDRGNNRAYEVQLTQKVARLKEQVAERESTNVDQFWLSFQGQPLDDEKQLGEYDLTPHCTVQMNLRLRGG
;
_entity_poly.pdbx_strand_id   A
#
# COMPACT_ATOMS: atom_id res chain seq x y z
N GLY A 2 28.02 7.53 -6.21
CA GLY A 2 28.36 6.32 -6.92
C GLY A 2 27.88 4.99 -6.35
N GLY A 3 27.40 4.99 -5.10
CA GLY A 3 26.90 3.77 -4.48
C GLY A 3 25.57 3.32 -5.07
N TYR A 4 25.33 2.02 -5.01
CA TYR A 4 24.13 1.46 -5.64
C TYR A 4 23.77 0.18 -4.92
N LEU A 5 22.51 -0.24 -5.10
CA LEU A 5 22.05 -1.58 -4.76
C LEU A 5 21.59 -2.25 -6.03
N LYS A 6 21.83 -3.56 -6.09
CA LYS A 6 21.27 -4.41 -7.14
C LYS A 6 19.97 -5.03 -6.66
N VAL A 7 18.90 -4.82 -7.39
CA VAL A 7 17.57 -5.35 -7.04
C VAL A 7 17.32 -6.57 -7.92
N LYS A 8 17.05 -7.70 -7.32
CA LYS A 8 16.77 -8.93 -8.01
C LYS A 8 15.29 -9.28 -7.85
N MET A 9 14.55 -9.24 -8.92
CA MET A 9 13.17 -9.69 -8.86
C MET A 9 13.04 -11.19 -9.09
N ASN A 12 15.01 -11.14 -13.21
CA ASN A 12 15.03 -9.77 -13.72
C ASN A 12 15.76 -8.91 -12.67
N GLU A 13 16.67 -8.07 -13.14
N GLU A 13 16.65 -8.03 -13.09
CA GLU A 13 17.56 -7.32 -12.28
CA GLU A 13 17.53 -7.37 -12.16
C GLU A 13 17.53 -5.86 -12.71
C GLU A 13 17.77 -5.95 -12.67
N PHE A 14 17.83 -4.99 -11.75
CA PHE A 14 18.16 -3.61 -12.10
C PHE A 14 18.92 -3.00 -10.93
N GLN A 15 19.49 -1.84 -11.13
CA GLN A 15 20.22 -1.15 -10.08
C GLN A 15 19.48 0.11 -9.70
N VAL A 16 19.66 0.53 -8.43
CA VAL A 16 19.15 1.81 -7.97
C VAL A 16 20.28 2.49 -7.22
N PRO A 17 20.35 3.81 -7.22
CA PRO A 17 21.36 4.52 -6.40
C PRO A 17 21.10 4.34 -4.92
N MET A 18 22.20 4.33 -4.15
CA MET A 18 22.13 4.13 -2.70
C MET A 18 22.79 5.34 -2.05
N ARG A 19 21.98 6.27 -1.56
CA ARG A 19 22.48 7.46 -0.88
C ARG A 19 22.80 7.13 0.56
N ASP A 20 23.57 8.03 1.17
CA ASP A 20 23.90 7.91 2.59
C ASP A 20 22.64 7.83 3.44
N SER A 21 22.59 6.78 4.27
CA SER A 21 21.55 6.62 5.27
C SER A 21 20.19 6.39 4.64
N MET A 22 20.19 5.85 3.42
CA MET A 22 18.94 5.52 2.76
CA MET A 22 18.96 5.48 2.73
C MET A 22 18.08 4.61 3.62
N LEU A 23 16.77 4.87 3.57
CA LEU A 23 15.77 4.08 4.25
C LEU A 23 15.02 3.16 3.28
N LEU A 24 14.39 2.14 3.85
CA LEU A 24 13.54 1.24 3.07
C LEU A 24 12.49 1.97 2.25
N SER A 25 11.88 3.01 2.80
CA SER A 25 10.84 3.70 2.04
C SER A 25 11.41 4.34 0.78
N GLU A 26 12.66 4.79 0.83
N GLU A 26 12.65 4.83 0.83
CA GLU A 26 13.31 5.39 -0.34
CA GLU A 26 13.23 5.40 -0.38
C GLU A 26 13.69 4.34 -1.37
C GLU A 26 13.57 4.30 -1.38
N LEU A 27 14.11 3.17 -0.92
CA LEU A 27 14.37 2.08 -1.83
C LEU A 27 13.07 1.69 -2.54
N LYS A 28 11.96 1.62 -1.80
CA LYS A 28 10.69 1.26 -2.45
C LYS A 28 10.27 2.32 -3.43
N GLN A 29 10.50 3.61 -3.13
CA GLN A 29 10.15 4.66 -4.09
C GLN A 29 10.95 4.53 -5.40
N LEU A 30 12.25 4.22 -5.30
CA LEU A 30 13.04 4.04 -6.52
C LEU A 30 12.53 2.83 -7.30
N ILE A 31 12.13 1.76 -6.61
CA ILE A 31 11.58 0.61 -7.30
C ILE A 31 10.26 0.95 -7.95
N THR A 32 9.38 1.72 -7.26
CA THR A 32 8.13 2.15 -7.89
C THR A 32 8.39 2.91 -9.18
N GLN A 33 9.39 3.80 -9.19
CA GLN A 33 9.72 4.54 -10.39
C GLN A 33 10.19 3.63 -11.52
N LYS A 34 10.83 2.50 -11.20
CA LYS A 34 11.37 1.59 -12.20
C LYS A 34 10.29 0.67 -12.75
N ILE A 35 9.43 0.09 -11.89
CA ILE A 35 8.50 -0.98 -12.27
C ILE A 35 7.02 -0.68 -12.01
N GLN A 36 6.68 0.49 -11.50
CA GLN A 36 5.27 0.88 -11.37
C GLN A 36 4.48 -0.06 -10.43
N VAL A 37 5.11 -0.49 -9.35
CA VAL A 37 4.50 -1.33 -8.32
C VAL A 37 4.50 -0.50 -7.05
N PRO A 38 3.35 -0.28 -6.39
N PRO A 38 3.36 -0.31 -6.36
CA PRO A 38 3.33 0.51 -5.17
CA PRO A 38 3.34 0.52 -5.14
C PRO A 38 4.18 -0.11 -4.06
C PRO A 38 4.10 -0.13 -4.00
N ALA A 39 4.52 0.72 -3.08
CA ALA A 39 5.32 0.28 -1.94
C ALA A 39 4.69 -0.88 -1.20
N PHE A 40 3.38 -0.86 -0.99
CA PHE A 40 2.72 -1.90 -0.20
C PHE A 40 2.81 -3.31 -0.81
N ARG A 41 3.00 -3.37 -2.12
CA ARG A 41 3.11 -4.63 -2.82
C ARG A 41 4.55 -5.13 -2.92
N GLN A 42 5.47 -4.43 -2.27
CA GLN A 42 6.88 -4.81 -2.31
C GLN A 42 7.41 -5.31 -0.98
N ARG A 43 8.16 -6.40 -1.01
CA ARG A 43 8.84 -6.89 0.17
C ARG A 43 10.30 -7.04 -0.25
N LEU A 44 11.20 -6.53 0.56
CA LEU A 44 12.62 -6.56 0.23
C LEU A 44 13.43 -7.33 1.26
N LEU A 45 14.32 -8.18 0.77
CA LEU A 45 15.17 -8.98 1.63
C LEU A 45 16.63 -8.92 1.23
N VAL A 46 17.53 -9.10 2.20
CA VAL A 46 18.95 -9.14 1.88
C VAL A 46 19.27 -10.44 1.15
N GLN A 47 19.94 -10.37 -0.01
CA GLN A 47 20.30 -11.56 -0.78
C GLN A 47 21.24 -12.44 0.01
N GLY A 48 21.07 -13.77 -0.22
CA GLY A 48 21.91 -14.80 0.36
C GLY A 48 21.41 -15.25 1.71
N SER A 49 21.32 -14.29 2.62
N SER A 49 21.38 -14.32 2.67
CA SER A 49 20.86 -14.54 3.98
CA SER A 49 20.82 -14.57 3.99
C SER A 49 19.36 -14.30 4.19
C SER A 49 19.31 -14.57 4.04
N ASN A 50 18.66 -13.77 3.18
CA ASN A 50 17.22 -13.63 3.17
C ASN A 50 16.64 -12.89 4.37
N GLU A 51 17.36 -11.96 4.97
CA GLU A 51 16.75 -11.21 6.07
C GLU A 51 15.76 -10.16 5.53
N VAL A 52 14.56 -10.08 6.10
CA VAL A 52 13.58 -9.09 5.66
C VAL A 52 14.01 -7.68 6.12
N LEU A 53 14.06 -6.73 5.19
CA LEU A 53 14.42 -5.36 5.52
C LEU A 53 13.24 -4.64 6.15
N GLN A 54 13.54 -3.71 7.04
CA GLN A 54 12.54 -3.03 7.85
C GLN A 54 12.64 -1.53 7.69
N ASP A 55 11.54 -0.86 8.03
CA ASP A 55 11.47 0.58 8.04
C ASP A 55 12.29 1.19 9.19
N GLY A 56 12.62 2.45 9.02
CA GLY A 56 13.08 3.30 10.09
C GLY A 56 14.56 3.23 10.41
N VAL A 57 15.25 2.17 10.06
CA VAL A 57 16.67 2.00 10.33
C VAL A 57 17.41 2.08 9.01
N PRO A 58 18.50 2.86 8.90
CA PRO A 58 19.25 2.90 7.62
C PRO A 58 19.54 1.52 7.09
N LEU A 59 19.36 1.37 5.78
CA LEU A 59 19.63 0.08 5.13
C LEU A 59 21.06 -0.37 5.38
N ALA A 60 21.99 0.57 5.42
CA ALA A 60 23.39 0.27 5.63
C ALA A 60 23.63 -0.38 6.97
N HIS A 61 22.70 -0.20 7.90
CA HIS A 61 22.74 -0.82 9.22
C HIS A 61 21.86 -2.07 9.30
N GLN A 62 21.42 -2.60 8.17
CA GLN A 62 20.69 -3.85 8.06
C GLN A 62 21.48 -4.80 7.18
N GLY A 63 22.79 -4.69 7.21
CA GLY A 63 23.62 -5.65 6.53
C GLY A 63 23.86 -5.38 5.06
N LEU A 64 23.62 -4.17 4.57
CA LEU A 64 23.82 -3.80 3.18
C LEU A 64 24.94 -2.79 3.08
N ARG A 65 25.51 -2.74 1.90
CA ARG A 65 26.46 -1.69 1.55
CA ARG A 65 26.56 -1.78 1.54
C ARG A 65 26.45 -1.57 0.04
N SER A 66 27.20 -0.64 -0.49
CA SER A 66 27.12 -0.43 -1.95
C SER A 66 27.53 -1.73 -2.66
N GLY A 67 26.78 -2.09 -3.72
CA GLY A 67 27.03 -3.33 -4.45
C GLY A 67 26.27 -4.53 -3.92
N SER A 68 25.67 -4.42 -2.73
N SER A 68 25.64 -4.40 -2.75
CA SER A 68 24.88 -5.53 -2.21
CA SER A 68 24.88 -5.52 -2.21
C SER A 68 23.66 -5.78 -3.08
C SER A 68 23.61 -5.76 -3.03
N GLU A 69 23.18 -7.02 -3.03
CA GLU A 69 21.96 -7.42 -3.71
C GLU A 69 20.82 -7.53 -2.72
N VAL A 70 19.67 -7.05 -3.16
CA VAL A 70 18.42 -7.24 -2.44
C VAL A 70 17.43 -8.02 -3.32
N VAL A 71 16.64 -8.86 -2.68
CA VAL A 71 15.60 -9.64 -3.33
C VAL A 71 14.30 -8.88 -3.19
N LEU A 72 13.60 -8.69 -4.29
CA LEU A 72 12.30 -8.03 -4.32
C LEU A 72 11.20 -9.06 -4.60
N VAL A 73 10.24 -9.16 -3.70
CA VAL A 73 9.06 -9.99 -3.92
C VAL A 73 7.88 -9.07 -4.17
N VAL A 74 7.19 -9.26 -5.29
CA VAL A 74 6.06 -8.43 -5.65
C VAL A 74 4.78 -9.18 -5.34
N GLN A 75 3.94 -8.58 -4.50
CA GLN A 75 2.62 -9.15 -4.26
C GLN A 75 1.72 -8.95 -5.47
N SER A 76 0.97 -9.99 -5.86
CA SER A 76 0.07 -9.86 -7.00
C SER A 76 -0.96 -8.75 -6.79
N CYS A 77 -1.30 -8.02 -7.83
CA CYS A 77 -2.25 -6.93 -7.67
C CYS A 77 -3.66 -7.37 -7.32
N ASP A 78 -4.00 -8.64 -7.57
CA ASP A 78 -5.34 -9.08 -7.26
C ASP A 78 -5.47 -9.62 -5.83
N ARG A 79 -4.40 -9.56 -5.02
CA ARG A 79 -4.54 -9.99 -3.64
C ARG A 79 -5.37 -8.98 -2.85
N PRO A 80 -6.24 -9.44 -1.94
CA PRO A 80 -7.07 -8.51 -1.19
C PRO A 80 -6.23 -7.64 -0.25
N LEU A 81 -6.81 -6.51 0.10
CA LEU A 81 -6.20 -5.72 1.15
C LEU A 81 -7.26 -5.28 2.13
N SER A 82 -6.84 -5.02 3.35
N SER A 82 -6.82 -4.98 3.33
CA SER A 82 -7.72 -4.52 4.37
CA SER A 82 -7.69 -4.50 4.40
C SER A 82 -7.62 -2.99 4.40
C SER A 82 -7.61 -2.99 4.45
N ILE A 83 -8.77 -2.34 4.54
CA ILE A 83 -8.83 -0.89 4.75
C ILE A 83 -9.75 -0.61 5.94
N LEU A 84 -9.68 0.62 6.44
N LEU A 84 -9.71 0.62 6.42
CA LEU A 84 -10.59 1.08 7.47
CA LEU A 84 -10.59 1.07 7.48
C LEU A 84 -11.65 1.97 6.85
C LEU A 84 -11.63 2.03 6.94
N VAL A 85 -12.89 1.84 7.33
CA VAL A 85 -13.92 2.83 7.10
C VAL A 85 -14.28 3.41 8.45
N ARG A 86 -14.17 4.73 8.55
CA ARG A 86 -14.41 5.47 9.77
C ARG A 86 -15.81 6.08 9.71
N ASN A 87 -16.60 5.93 10.78
CA ASN A 87 -17.99 6.34 10.71
C ASN A 87 -18.19 7.76 11.25
N ASP A 88 -19.44 8.16 11.43
CA ASP A 88 -19.78 9.53 11.83
C ASP A 88 -19.43 9.82 13.27
N ARG A 89 -19.18 8.81 14.07
CA ARG A 89 -18.70 9.01 15.43
C ARG A 89 -17.22 8.78 15.55
N GLY A 90 -16.51 8.60 14.42
CA GLY A 90 -15.06 8.43 14.49
C GLY A 90 -14.67 7.04 14.89
N ASN A 91 -15.60 6.09 14.85
CA ASN A 91 -15.27 4.70 15.10
C ASN A 91 -14.87 3.97 13.83
N ASN A 92 -13.90 3.07 13.94
CA ASN A 92 -13.36 2.37 12.78
C ASN A 92 -13.81 0.92 12.70
N ARG A 93 -13.96 0.43 11.46
CA ARG A 93 -14.11 -0.99 11.17
C ARG A 93 -13.23 -1.34 9.99
N ALA A 94 -12.69 -2.55 10.00
CA ALA A 94 -11.84 -3.05 8.93
C ALA A 94 -12.65 -3.85 7.91
N TYR A 95 -12.29 -3.66 6.62
CA TYR A 95 -12.94 -4.30 5.48
C TYR A 95 -11.90 -4.85 4.52
N GLU A 96 -12.12 -6.07 4.07
N GLU A 96 -12.16 -6.04 4.01
CA GLU A 96 -11.33 -6.64 3.00
CA GLU A 96 -11.32 -6.65 3.00
C GLU A 96 -11.94 -6.16 1.68
C GLU A 96 -11.89 -6.33 1.63
N VAL A 97 -11.07 -5.75 0.77
CA VAL A 97 -11.47 -5.27 -0.55
C VAL A 97 -10.49 -5.80 -1.60
N GLN A 98 -10.94 -5.74 -2.85
CA GLN A 98 -10.08 -5.92 -4.02
C GLN A 98 -10.12 -4.63 -4.80
N LEU A 99 -8.96 -4.18 -5.30
CA LEU A 99 -8.92 -2.89 -5.99
C LEU A 99 -9.76 -2.89 -7.27
N THR A 100 -10.03 -4.04 -7.85
CA THR A 100 -10.89 -4.06 -9.04
C THR A 100 -12.39 -4.02 -8.71
N GLN A 101 -12.80 -4.19 -7.44
CA GLN A 101 -14.21 -4.03 -7.11
C GLN A 101 -14.66 -2.58 -7.30
N LYS A 102 -15.91 -2.40 -7.73
CA LYS A 102 -16.47 -1.05 -7.73
C LYS A 102 -16.66 -0.51 -6.30
N VAL A 103 -16.58 0.82 -6.20
CA VAL A 103 -16.89 1.52 -4.95
C VAL A 103 -18.24 1.09 -4.42
N ALA A 104 -19.21 0.84 -5.33
CA ALA A 104 -20.55 0.41 -4.91
C ALA A 104 -20.50 -0.85 -4.04
N ARG A 105 -19.53 -1.73 -4.29
CA ARG A 105 -19.43 -2.94 -3.47
C ARG A 105 -18.98 -2.62 -2.06
N LEU A 106 -18.00 -1.70 -1.92
CA LEU A 106 -17.61 -1.25 -0.59
C LEU A 106 -18.78 -0.57 0.12
N LYS A 107 -19.54 0.28 -0.59
CA LYS A 107 -20.71 0.91 0.02
C LYS A 107 -21.66 -0.12 0.60
N GLU A 108 -21.87 -1.22 -0.11
CA GLU A 108 -22.78 -2.27 0.39
C GLU A 108 -22.22 -2.92 1.66
N GLN A 109 -20.90 -3.20 1.70
CA GLN A 109 -20.29 -3.74 2.90
C GLN A 109 -20.50 -2.79 4.07
N VAL A 110 -20.25 -1.49 3.85
CA VAL A 110 -20.35 -0.53 4.93
C VAL A 110 -21.79 -0.38 5.39
N ALA A 111 -22.74 -0.34 4.44
CA ALA A 111 -24.14 -0.19 4.83
C ALA A 111 -24.57 -1.35 5.72
N GLU A 112 -24.12 -2.56 5.42
CA GLU A 112 -24.49 -3.70 6.26
C GLU A 112 -23.85 -3.60 7.63
N ARG A 113 -22.56 -3.34 7.68
CA ARG A 113 -21.88 -3.39 8.97
C ARG A 113 -22.20 -2.19 9.86
N GLU A 114 -22.53 -1.05 9.26
CA GLU A 114 -22.93 0.15 10.01
C GLU A 114 -24.43 0.26 10.16
N SER A 115 -25.19 -0.71 9.64
N SER A 115 -25.18 -0.76 9.72
CA SER A 115 -26.64 -0.69 9.81
CA SER A 115 -26.65 -0.75 9.64
C SER A 115 -27.26 0.60 9.25
C SER A 115 -27.18 0.63 9.25
N THR A 116 -26.78 1.04 8.07
CA THR A 116 -27.22 2.29 7.46
C THR A 116 -27.63 1.92 6.02
N ASN A 117 -28.47 2.70 5.38
CA ASN A 117 -28.73 2.42 3.96
C ASN A 117 -27.71 3.08 3.05
N VAL A 118 -27.40 2.45 1.89
CA VAL A 118 -26.38 3.00 0.98
C VAL A 118 -26.77 4.39 0.52
N ASP A 119 -28.06 4.68 0.41
N ASP A 119 -28.06 4.69 0.45
CA ASP A 119 -28.44 5.99 -0.08
CA ASP A 119 -28.48 5.99 -0.04
C ASP A 119 -28.32 7.09 0.97
C ASP A 119 -28.48 7.06 1.03
N GLN A 120 -27.95 6.76 2.20
CA GLN A 120 -27.88 7.75 3.27
C GLN A 120 -26.46 8.20 3.53
N PHE A 121 -25.47 7.72 2.80
CA PHE A 121 -24.11 8.19 3.05
C PHE A 121 -23.29 8.08 1.78
N TRP A 122 -22.15 8.77 1.78
N TRP A 122 -22.15 8.77 1.77
CA TRP A 122 -21.15 8.60 0.75
CA TRP A 122 -21.16 8.64 0.72
C TRP A 122 -19.79 8.43 1.40
C TRP A 122 -19.77 8.56 1.35
N LEU A 123 -18.84 7.94 0.62
CA LEU A 123 -17.50 7.69 1.11
C LEU A 123 -16.52 8.68 0.51
N SER A 124 -15.49 9.00 1.26
CA SER A 124 -14.41 9.87 0.79
C SER A 124 -13.05 9.33 1.20
N PHE A 125 -12.03 9.65 0.42
CA PHE A 125 -10.67 9.22 0.74
C PHE A 125 -9.78 10.43 0.67
N GLN A 126 -9.17 10.80 1.80
CA GLN A 126 -8.33 12.01 1.86
C GLN A 126 -9.11 13.23 1.40
N GLY A 127 -10.39 13.28 1.76
CA GLY A 127 -11.26 14.39 1.38
C GLY A 127 -11.81 14.36 -0.03
N GLN A 128 -11.56 13.31 -0.81
CA GLN A 128 -12.13 13.31 -2.17
C GLN A 128 -13.27 12.30 -2.24
N PRO A 129 -14.43 12.63 -2.81
CA PRO A 129 -15.53 11.62 -2.84
C PRO A 129 -15.21 10.43 -3.74
N LEU A 130 -15.66 9.25 -3.31
CA LEU A 130 -15.51 8.01 -4.07
C LEU A 130 -16.74 7.81 -4.95
N ASP A 131 -16.52 7.59 -6.25
CA ASP A 131 -17.61 7.45 -7.21
C ASP A 131 -18.04 5.97 -7.25
N ASP A 132 -19.34 5.72 -7.02
CA ASP A 132 -19.91 4.36 -6.98
C ASP A 132 -19.48 3.50 -8.14
N GLU A 133 -19.36 4.12 -9.32
CA GLU A 133 -19.16 3.37 -10.55
C GLU A 133 -17.70 3.10 -10.86
N LYS A 134 -16.80 3.71 -10.12
CA LYS A 134 -15.38 3.49 -10.35
C LYS A 134 -14.84 2.33 -9.52
N GLN A 135 -13.79 1.72 -10.01
CA GLN A 135 -13.06 0.72 -9.24
C GLN A 135 -12.32 1.38 -8.09
N LEU A 136 -12.25 0.67 -6.97
CA LEU A 136 -11.48 1.14 -5.83
C LEU A 136 -10.04 1.49 -6.19
N GLY A 137 -9.44 0.76 -7.14
CA GLY A 137 -8.06 0.98 -7.51
C GLY A 137 -7.82 2.28 -8.23
N GLU A 138 -8.88 3.01 -8.60
CA GLU A 138 -8.73 4.35 -9.13
C GLU A 138 -8.36 5.37 -8.05
N TYR A 139 -8.30 4.95 -6.77
N TYR A 139 -8.34 4.96 -6.77
CA TYR A 139 -8.15 5.88 -5.64
CA TYR A 139 -8.10 5.93 -5.68
C TYR A 139 -6.96 5.60 -4.73
C TYR A 139 -6.80 5.77 -4.91
N ASP A 140 -6.06 4.70 -5.09
CA ASP A 140 -4.74 4.60 -4.40
C ASP A 140 -4.86 4.26 -2.93
N LEU A 141 -5.77 3.37 -2.69
CA LEU A 141 -5.91 2.83 -1.36
C LEU A 141 -4.71 1.96 -1.04
N THR A 142 -4.35 1.93 0.23
CA THR A 142 -3.26 1.12 0.73
C THR A 142 -3.72 0.41 2.00
N PRO A 143 -3.02 -0.63 2.43
CA PRO A 143 -3.48 -1.38 3.59
C PRO A 143 -3.62 -0.53 4.82
N HIS A 144 -4.81 -0.62 5.42
CA HIS A 144 -5.17 0.09 6.64
C HIS A 144 -5.21 1.59 6.46
N CYS A 145 -5.32 2.09 5.21
CA CYS A 145 -5.71 3.46 5.01
C CYS A 145 -7.15 3.67 5.48
N THR A 146 -7.58 4.93 5.57
CA THR A 146 -8.90 5.27 6.12
C THR A 146 -9.79 5.94 5.08
N VAL A 147 -10.95 5.36 4.85
CA VAL A 147 -12.03 5.94 4.06
C VAL A 147 -13.07 6.48 5.05
N GLN A 148 -13.55 7.71 4.85
CA GLN A 148 -14.50 8.32 5.78
C GLN A 148 -15.93 8.18 5.27
N MET A 149 -16.84 7.77 6.15
N MET A 149 -16.85 7.84 6.17
CA MET A 149 -18.26 7.91 5.87
CA MET A 149 -18.27 7.81 5.84
C MET A 149 -18.69 9.36 6.02
C MET A 149 -18.88 9.19 6.16
N ASN A 150 -19.64 9.74 5.19
CA ASN A 150 -20.20 11.10 5.25
C ASN A 150 -21.71 10.96 5.19
N LEU A 151 -22.40 11.35 6.25
CA LEU A 151 -23.85 11.20 6.28
C LEU A 151 -24.49 12.32 5.49
N ARG A 152 -25.55 11.98 4.74
CA ARG A 152 -26.28 12.95 3.93
C ARG A 152 -27.24 13.78 4.78
#